data_7CFY
#
_entry.id   7CFY
#
_cell.length_a   39.137
_cell.length_b   57.833
_cell.length_c   69.629
_cell.angle_alpha   67.170
_cell.angle_beta   90.050
_cell.angle_gamma   90.150
#
_symmetry.space_group_name_H-M   'P 1'
#
loop_
_entity.id
_entity.type
_entity.pdbx_description
1 polymer 'Ribosomal RNA large subunit methyltransferase H,Ribosomal RNA large subunit methyltransferase H'
2 water water
#
_entity_poly.entity_id   1
_entity_poly.type   'polypeptide(L)'
_entity_poly.pdbx_seq_one_letter_code
;MIPGKPWDTPQLAAELERWKLDGRDVSLLIGGPEGLSPACKAAAEQSFSLSALTLPHPLVRVLVAESLYRAWSITTNHPY
HREGSMKLQLVAVGTKMPDWVQTGFTEYLRRFPKDMPFELIEIPAGKRGKNADIKRILDKEGEQMLAAAGKNRIVTLD
;
_entity_poly.pdbx_strand_id   A,B,C,D
#
# COMPACT_ATOMS: atom_id res chain seq x y z
N ALA A 13 8.19 -9.01 -33.85
CA ALA A 13 7.08 -8.08 -33.68
C ALA A 13 5.73 -8.81 -33.78
N ALA A 14 5.63 -9.70 -34.78
CA ALA A 14 4.43 -10.52 -34.95
C ALA A 14 4.74 -11.70 -35.85
N GLU A 15 5.98 -12.17 -35.82
CA GLU A 15 6.36 -13.37 -36.56
C GLU A 15 5.64 -14.66 -36.04
N LEU A 16 4.70 -14.49 -35.10
CA LEU A 16 3.76 -15.54 -34.73
C LEU A 16 3.03 -16.12 -35.93
N GLU A 17 2.94 -15.35 -37.02
CA GLU A 17 2.25 -15.79 -38.24
C GLU A 17 2.70 -17.17 -38.69
N ARG A 18 3.81 -17.67 -38.15
CA ARG A 18 4.21 -19.05 -38.35
C ARG A 18 3.15 -20.05 -37.88
N TRP A 19 2.15 -19.62 -37.11
CA TRP A 19 1.06 -20.50 -36.72
C TRP A 19 0.37 -21.09 -37.93
N LYS A 20 0.37 -22.42 -38.03
CA LYS A 20 -0.07 -23.09 -39.24
C LYS A 20 -1.26 -24.00 -39.01
N LEU A 21 -2.32 -23.42 -38.47
CA LEU A 21 -3.70 -23.86 -38.65
C LEU A 21 -3.88 -24.45 -40.05
N ASP A 22 -4.03 -25.77 -40.15
CA ASP A 22 -4.45 -26.37 -41.42
C ASP A 22 -5.13 -27.70 -41.11
N GLY A 23 -6.42 -27.79 -41.46
CA GLY A 23 -7.29 -28.83 -40.97
C GLY A 23 -8.33 -28.26 -40.02
N ARG A 24 -7.94 -28.05 -38.76
CA ARG A 24 -8.90 -27.78 -37.70
C ARG A 24 -8.94 -26.31 -37.33
N ASP A 25 -10.15 -25.80 -37.09
CA ASP A 25 -10.32 -24.53 -36.41
C ASP A 25 -9.55 -24.56 -35.09
N VAL A 26 -9.00 -23.41 -34.69
CA VAL A 26 -8.14 -23.35 -33.51
C VAL A 26 -8.84 -22.54 -32.41
N SER A 27 -8.78 -23.08 -31.20
CA SER A 27 -9.31 -22.43 -30.00
C SER A 27 -8.16 -22.02 -29.09
N LEU A 28 -8.08 -20.72 -28.79
CA LEU A 28 -7.03 -20.16 -27.92
C LEU A 28 -7.65 -19.74 -26.60
N LEU A 29 -7.10 -20.27 -25.50
CA LEU A 29 -7.74 -20.21 -24.20
C LEU A 29 -7.03 -19.21 -23.29
N ILE A 30 -7.78 -18.26 -22.72
CA ILE A 30 -7.24 -17.37 -21.72
C ILE A 30 -8.05 -17.51 -20.44
N GLY A 31 -7.39 -17.95 -19.38
CA GLY A 31 -8.04 -18.15 -18.11
C GLY A 31 -8.22 -16.86 -17.36
N GLY A 32 -8.57 -17.01 -16.09
CA GLY A 32 -8.69 -15.90 -15.18
C GLY A 32 -7.32 -15.39 -14.78
N PRO A 33 -7.30 -14.44 -13.85
CA PRO A 33 -6.00 -13.94 -13.36
C PRO A 33 -5.19 -14.99 -12.62
N GLU A 34 -5.85 -16.01 -12.06
CA GLU A 34 -5.17 -17.06 -11.31
C GLU A 34 -4.71 -18.23 -12.18
N GLY A 35 -5.21 -18.35 -13.41
CA GLY A 35 -4.68 -19.30 -14.36
C GLY A 35 -5.78 -20.18 -14.93
N LEU A 36 -5.35 -21.30 -15.50
CA LEU A 36 -6.26 -22.20 -16.20
C LEU A 36 -6.48 -23.45 -15.38
N SER A 37 -7.65 -24.03 -15.55
CA SER A 37 -8.01 -25.35 -15.03
C SER A 37 -6.90 -26.39 -15.16
N PRO A 38 -6.92 -27.39 -14.29
CA PRO A 38 -6.25 -28.67 -14.63
C PRO A 38 -6.76 -29.30 -15.91
N ALA A 39 -8.08 -29.28 -16.18
CA ALA A 39 -8.57 -29.89 -17.40
C ALA A 39 -8.11 -29.12 -18.65
N CYS A 40 -8.12 -27.78 -18.57
CA CYS A 40 -7.65 -26.96 -19.69
C CYS A 40 -6.20 -27.29 -20.02
N LYS A 41 -5.33 -27.21 -19.02
CA LYS A 41 -3.93 -27.52 -19.21
C LYS A 41 -3.75 -28.95 -19.71
N ALA A 42 -4.55 -29.88 -19.21
CA ALA A 42 -4.40 -31.28 -19.61
C ALA A 42 -4.81 -31.49 -21.06
N ALA A 43 -5.69 -30.64 -21.59
CA ALA A 43 -6.24 -30.72 -22.93
C ALA A 43 -5.43 -29.94 -23.96
N ALA A 44 -4.37 -29.25 -23.56
CA ALA A 44 -3.68 -28.34 -24.45
C ALA A 44 -2.82 -29.10 -25.44
N GLU A 45 -3.00 -28.80 -26.74
CA GLU A 45 -2.05 -29.31 -27.72
C GLU A 45 -0.74 -28.50 -27.69
N GLN A 46 -0.83 -27.17 -27.58
CA GLN A 46 0.34 -26.32 -27.35
C GLN A 46 0.01 -25.28 -26.28
N SER A 47 1.04 -24.61 -25.79
CA SER A 47 0.86 -23.80 -24.60
C SER A 47 1.23 -22.34 -24.75
N PHE A 48 2.35 -21.99 -25.39
CA PHE A 48 2.71 -20.57 -25.56
C PHE A 48 2.81 -19.78 -24.25
N SER A 49 3.99 -19.26 -23.91
CA SER A 49 4.09 -18.39 -22.74
C SER A 49 3.30 -17.10 -22.98
N LEU A 50 2.86 -16.48 -21.87
CA LEU A 50 1.95 -15.34 -21.99
C LEU A 50 2.32 -14.21 -21.03
N SER A 51 3.62 -13.89 -20.90
CA SER A 51 3.95 -12.61 -20.26
C SER A 51 5.33 -12.19 -20.76
N ALA A 52 5.33 -11.66 -21.98
CA ALA A 52 6.17 -10.54 -22.36
C ALA A 52 5.28 -9.39 -22.80
N LEU A 53 3.99 -9.45 -22.44
CA LEU A 53 2.96 -8.54 -22.95
C LEU A 53 3.06 -7.15 -22.33
N THR A 54 3.59 -7.05 -21.12
CA THR A 54 4.27 -5.88 -20.59
C THR A 54 3.51 -4.55 -20.44
N LEU A 55 2.33 -4.36 -21.05
CA LEU A 55 1.53 -3.13 -20.87
C LEU A 55 2.13 -1.91 -21.56
N PRO A 56 1.39 -1.30 -22.47
CA PRO A 56 1.96 -0.23 -23.31
C PRO A 56 2.19 1.06 -22.52
N HIS A 57 3.26 1.76 -22.89
CA HIS A 57 3.60 3.02 -22.24
C HIS A 57 2.46 4.04 -22.24
N PRO A 58 1.69 4.24 -23.32
CA PRO A 58 0.54 5.15 -23.22
C PRO A 58 -0.42 4.86 -22.08
N LEU A 59 -0.56 3.60 -21.66
CA LEU A 59 -1.51 3.31 -20.59
C LEU A 59 -0.99 3.66 -19.19
N VAL A 60 0.27 4.04 -19.04
CA VAL A 60 0.79 4.35 -17.71
C VAL A 60 0.03 5.52 -17.09
N ARG A 61 -0.18 6.59 -17.86
CA ARG A 61 -0.88 7.77 -17.35
C ARG A 61 -2.36 7.49 -17.18
N VAL A 62 -2.88 6.50 -17.89
CA VAL A 62 -4.21 6.01 -17.58
C VAL A 62 -4.24 5.43 -16.17
N LEU A 63 -3.34 4.46 -15.92
CA LEU A 63 -3.32 3.77 -14.64
C LEU A 63 -3.01 4.74 -13.50
N VAL A 64 -2.05 5.64 -13.73
CA VAL A 64 -1.74 6.63 -12.71
C VAL A 64 -2.95 7.48 -12.41
N ALA A 65 -3.69 7.92 -13.44
CA ALA A 65 -4.87 8.72 -13.15
C ALA A 65 -5.90 7.90 -12.38
N GLU A 66 -6.09 6.64 -12.76
CA GLU A 66 -6.96 5.76 -11.99
C GLU A 66 -6.49 5.66 -10.53
N SER A 67 -5.18 5.44 -10.33
CA SER A 67 -4.63 5.32 -8.97
C SER A 67 -4.89 6.59 -8.18
N LEU A 68 -4.70 7.75 -8.80
CA LEU A 68 -4.83 8.98 -8.06
C LEU A 68 -6.25 9.17 -7.60
N TYR A 69 -7.20 9.03 -8.54
CA TYR A 69 -8.60 9.06 -8.18
C TYR A 69 -8.89 8.14 -6.99
N ARG A 70 -8.37 6.91 -7.05
CA ARG A 70 -8.66 5.96 -5.98
C ARG A 70 -8.06 6.43 -4.66
N ALA A 71 -6.79 6.83 -4.67
CA ALA A 71 -6.18 7.37 -3.47
C ALA A 71 -6.93 8.60 -2.96
N TRP A 72 -7.30 9.52 -3.87
CA TRP A 72 -8.06 10.70 -3.47
C TRP A 72 -9.40 10.32 -2.88
N SER A 73 -10.08 9.34 -3.48
CA SER A 73 -11.39 8.94 -3.01
C SER A 73 -11.34 8.38 -1.58
N ILE A 74 -10.32 7.58 -1.27
CA ILE A 74 -10.24 6.98 0.06
C ILE A 74 -9.85 8.03 1.11
N THR A 75 -8.86 8.87 0.81
CA THR A 75 -8.33 9.76 1.83
C THR A 75 -9.31 10.86 2.18
N THR A 76 -9.98 11.44 1.19
CA THR A 76 -10.90 12.52 1.54
C THR A 76 -12.24 11.99 2.05
N ASN A 77 -12.45 10.67 1.99
CA ASN A 77 -13.56 9.98 2.64
C ASN A 77 -13.14 9.51 4.03
N HIS A 78 -12.59 10.40 4.73
CA HIS A 78 -12.22 10.15 6.12
C HIS A 78 -13.23 10.81 7.04
N PRO A 79 -13.52 10.18 8.19
CA PRO A 79 -14.33 10.84 9.22
C PRO A 79 -13.83 12.22 9.63
N TYR A 80 -12.58 12.55 9.27
CA TYR A 80 -12.01 13.89 9.44
C TYR A 80 -11.44 14.36 8.11
N HIS A 81 -11.72 15.62 7.75
CA HIS A 81 -11.37 16.06 6.41
C HIS A 81 -11.10 17.57 6.34
N ARG A 82 -11.37 18.20 5.18
CA ARG A 82 -11.06 19.56 4.74
C ARG A 82 -9.74 19.62 3.97
N GLU A 83 -9.73 19.06 2.75
CA GLU A 83 -8.55 19.11 1.89
C GLU A 83 -8.35 20.50 1.31
N GLY A 84 -9.45 21.22 1.06
CA GLY A 84 -9.39 22.63 0.76
C GLY A 84 -8.69 23.05 -0.52
N SER A 85 -7.36 23.11 -0.49
CA SER A 85 -6.63 24.01 -1.37
C SER A 85 -5.62 23.37 -2.32
N MET A 86 -5.26 22.11 -2.15
CA MET A 86 -4.13 21.56 -2.88
C MET A 86 -4.58 20.91 -4.17
N LYS A 87 -4.16 21.47 -5.30
CA LYS A 87 -4.44 20.88 -6.59
C LYS A 87 -3.47 19.75 -6.87
N LEU A 88 -3.93 18.77 -7.65
CA LEU A 88 -3.04 17.78 -8.23
C LEU A 88 -2.98 17.98 -9.74
N GLN A 89 -1.76 17.90 -10.28
CA GLN A 89 -1.53 18.16 -11.69
C GLN A 89 -0.74 16.98 -12.24
N LEU A 90 -1.37 16.20 -13.12
CA LEU A 90 -0.71 15.09 -13.80
C LEU A 90 -0.16 15.61 -15.13
N VAL A 91 1.17 15.64 -15.24
CA VAL A 91 1.85 16.19 -16.39
C VAL A 91 2.53 15.01 -17.09
N ALA A 92 2.04 14.67 -18.27
CA ALA A 92 2.35 13.39 -18.92
C ALA A 92 2.71 13.61 -20.39
N VAL A 93 3.84 13.05 -20.83
CA VAL A 93 4.12 13.01 -22.25
C VAL A 93 3.03 12.19 -22.93
N GLY A 94 2.41 12.77 -23.95
CA GLY A 94 1.22 12.14 -24.49
C GLY A 94 1.40 11.18 -25.65
N THR A 95 2.12 10.06 -25.45
CA THR A 95 2.23 9.07 -26.51
C THR A 95 0.85 8.63 -26.98
N LYS A 96 0.77 8.28 -28.27
CA LYS A 96 -0.51 7.99 -28.90
C LYS A 96 -1.20 6.82 -28.20
N MET A 97 -2.48 7.01 -27.89
CA MET A 97 -3.26 5.95 -27.26
C MET A 97 -3.45 4.79 -28.24
N PRO A 98 -3.48 3.55 -27.75
CA PRO A 98 -3.99 2.45 -28.58
C PRO A 98 -5.41 2.73 -29.05
N ASP A 99 -5.77 2.13 -30.17
CA ASP A 99 -7.09 2.36 -30.74
C ASP A 99 -8.19 1.87 -29.80
N TRP A 100 -7.99 0.70 -29.18
CA TRP A 100 -9.06 0.09 -28.41
C TRP A 100 -9.43 0.87 -27.15
N VAL A 101 -8.63 1.85 -26.75
CA VAL A 101 -8.98 2.67 -25.59
C VAL A 101 -9.13 4.14 -25.98
N GLN A 102 -9.35 4.40 -27.28
CA GLN A 102 -9.10 5.70 -27.90
C GLN A 102 -9.63 6.87 -27.07
N THR A 103 -10.94 6.92 -26.83
CA THR A 103 -11.51 8.00 -26.03
C THR A 103 -12.37 7.48 -24.87
N GLY A 104 -12.19 6.23 -24.47
CA GLY A 104 -12.71 5.79 -23.18
C GLY A 104 -11.96 6.44 -22.02
N PHE A 105 -10.71 6.83 -22.25
CA PHE A 105 -9.97 7.55 -21.22
C PHE A 105 -10.50 8.97 -21.09
N THR A 106 -10.77 9.62 -22.22
CA THR A 106 -11.44 10.92 -22.20
C THR A 106 -12.77 10.83 -21.45
N GLU A 107 -13.62 9.89 -21.84
CA GLU A 107 -14.89 9.71 -21.14
C GLU A 107 -14.67 9.39 -19.67
N TYR A 108 -13.64 8.59 -19.37
CA TYR A 108 -13.33 8.30 -17.96
C TYR A 108 -13.07 9.59 -17.19
N LEU A 109 -12.34 10.53 -17.81
CA LEU A 109 -11.96 11.74 -17.10
C LEU A 109 -13.17 12.63 -16.80
N ARG A 110 -14.19 12.59 -17.67
CA ARG A 110 -15.36 13.42 -17.40
C ARG A 110 -16.13 12.95 -16.16
N ARG A 111 -15.85 11.73 -15.66
CA ARG A 111 -16.58 11.15 -14.55
C ARG A 111 -15.94 11.41 -13.20
N PHE A 112 -14.77 12.02 -13.17
CA PHE A 112 -14.17 12.37 -11.91
C PHE A 112 -15.08 13.33 -11.16
N PRO A 113 -15.21 13.19 -9.84
CA PRO A 113 -15.97 14.16 -9.05
C PRO A 113 -15.37 15.54 -9.24
N LYS A 114 -16.21 16.55 -9.48
CA LYS A 114 -15.60 17.87 -9.58
C LYS A 114 -15.12 18.37 -8.23
N ASP A 115 -15.49 17.68 -7.15
CA ASP A 115 -14.79 17.81 -5.88
C ASP A 115 -13.28 17.71 -6.10
N MET A 116 -12.84 16.65 -6.76
CA MET A 116 -11.41 16.37 -6.89
C MET A 116 -10.71 17.46 -7.70
N PRO A 117 -9.76 18.20 -7.10
CA PRO A 117 -8.98 19.22 -7.85
C PRO A 117 -7.87 18.60 -8.68
N PHE A 118 -8.25 18.02 -9.81
CA PHE A 118 -7.32 17.25 -10.61
C PHE A 118 -7.22 17.85 -12.01
N GLU A 119 -6.02 17.82 -12.57
CA GLU A 119 -5.83 18.28 -13.94
C GLU A 119 -4.81 17.38 -14.60
N LEU A 120 -5.10 16.97 -15.83
CA LEU A 120 -4.18 16.21 -16.65
C LEU A 120 -3.64 17.10 -17.75
N ILE A 121 -2.32 17.18 -17.85
CA ILE A 121 -1.64 18.05 -18.80
C ILE A 121 -0.81 17.14 -19.69
N GLU A 122 -1.20 17.00 -20.94
CA GLU A 122 -0.46 16.15 -21.86
C GLU A 122 0.52 16.99 -22.66
N ILE A 123 1.78 16.58 -22.62
CA ILE A 123 2.87 17.24 -23.34
C ILE A 123 3.09 16.49 -24.64
N PRO A 124 3.21 17.19 -25.78
CA PRO A 124 3.36 16.48 -27.07
C PRO A 124 4.64 15.64 -27.13
N ALA A 125 4.46 14.35 -27.39
CA ALA A 125 5.60 13.46 -27.55
C ALA A 125 6.31 13.75 -28.87
N GLY A 126 7.64 13.71 -28.84
CA GLY A 126 8.40 13.87 -30.08
C GLY A 126 8.45 12.57 -30.86
N LYS A 127 8.31 12.69 -32.19
CA LYS A 127 8.37 11.52 -33.05
C LYS A 127 9.66 10.75 -32.83
N ARG A 128 9.55 9.48 -32.45
CA ARG A 128 10.70 8.60 -32.34
C ARG A 128 10.87 7.86 -33.67
N GLY A 129 12.10 7.81 -34.18
CA GLY A 129 12.33 7.37 -35.55
C GLY A 129 13.37 6.26 -35.64
N LYS A 130 13.56 5.79 -36.88
CA LYS A 130 14.60 4.83 -37.24
C LYS A 130 15.96 5.35 -36.81
N ASN A 131 16.04 6.67 -36.61
CA ASN A 131 17.20 7.27 -35.98
C ASN A 131 16.70 8.58 -35.36
N ALA A 132 16.69 8.64 -34.03
CA ALA A 132 16.07 9.72 -33.28
C ALA A 132 16.97 10.10 -32.12
N ASP A 133 17.30 11.39 -32.02
CA ASP A 133 18.37 11.84 -31.13
C ASP A 133 18.14 11.39 -29.68
N ILE A 134 16.88 11.40 -29.23
CA ILE A 134 16.46 10.85 -27.94
C ILE A 134 17.01 11.67 -26.78
N LYS A 135 18.34 11.83 -26.72
CA LYS A 135 18.91 12.86 -25.87
C LYS A 135 18.13 14.16 -26.03
N ARG A 136 18.08 14.66 -27.27
CA ARG A 136 17.35 15.89 -27.55
C ARG A 136 15.86 15.76 -27.23
N ILE A 137 15.26 14.61 -27.55
CA ILE A 137 13.83 14.47 -27.45
C ILE A 137 13.38 14.66 -26.01
N LEU A 138 13.98 13.92 -25.08
CA LEU A 138 13.57 13.96 -23.69
C LEU A 138 13.83 15.31 -23.05
N ASP A 139 14.95 15.95 -23.43
CA ASP A 139 15.30 17.22 -22.82
C ASP A 139 14.31 18.32 -23.24
N LYS A 140 13.86 18.29 -24.50
CA LYS A 140 12.78 19.18 -24.88
C LYS A 140 11.53 18.86 -24.08
N GLU A 141 11.22 17.57 -23.91
CA GLU A 141 10.02 17.16 -23.19
C GLU A 141 10.10 17.58 -21.73
N GLY A 142 11.25 17.39 -21.08
CA GLY A 142 11.40 17.85 -19.72
C GLY A 142 11.11 19.33 -19.54
N GLU A 143 11.65 20.16 -20.43
CA GLU A 143 11.48 21.61 -20.28
C GLU A 143 10.02 22.03 -20.40
N GLN A 144 9.25 21.42 -21.32
CA GLN A 144 7.81 21.67 -21.36
C GLN A 144 7.11 21.12 -20.12
N MET A 145 7.65 20.02 -19.54
CA MET A 145 7.04 19.44 -18.36
C MET A 145 7.23 20.36 -17.16
N LEU A 146 8.48 20.78 -16.91
CA LEU A 146 8.78 21.71 -15.82
C LEU A 146 8.04 23.02 -16.01
N ALA A 147 8.07 23.57 -17.22
CA ALA A 147 7.33 24.80 -17.50
C ALA A 147 5.86 24.64 -17.14
N ALA A 148 5.26 23.49 -17.43
CA ALA A 148 3.86 23.31 -17.07
C ALA A 148 3.68 23.17 -15.56
N ALA A 149 4.70 22.72 -14.85
CA ALA A 149 4.61 22.52 -13.41
C ALA A 149 4.82 23.82 -12.62
N GLY A 150 5.46 24.81 -13.22
CA GLY A 150 5.60 26.10 -12.58
C GLY A 150 6.32 25.98 -11.26
N LYS A 151 5.68 26.46 -10.20
CA LYS A 151 6.27 26.48 -8.88
C LYS A 151 5.76 25.34 -8.00
N ASN A 152 4.98 24.42 -8.57
CA ASN A 152 4.49 23.26 -7.82
C ASN A 152 5.63 22.41 -7.33
N ARG A 153 5.41 21.69 -6.24
CA ARG A 153 6.33 20.64 -5.89
C ARG A 153 6.31 19.57 -6.97
N ILE A 154 7.51 19.10 -7.32
CA ILE A 154 7.75 18.24 -8.47
C ILE A 154 7.93 16.83 -7.94
N VAL A 155 7.07 15.92 -8.38
CA VAL A 155 7.18 14.50 -8.07
C VAL A 155 7.33 13.74 -9.38
N THR A 156 8.42 13.02 -9.53
CA THR A 156 8.68 12.33 -10.77
C THR A 156 8.25 10.88 -10.61
N LEU A 157 7.69 10.33 -11.70
CA LEU A 157 7.19 8.96 -11.71
C LEU A 157 7.89 8.20 -12.83
N ASP A 158 8.70 7.22 -12.46
CA ASP A 158 9.02 6.12 -13.36
C ASP A 158 9.57 4.93 -12.57
N LYS B 5 7.86 5.30 -2.04
CA LYS B 5 8.79 4.95 -3.11
C LYS B 5 8.16 4.00 -4.13
N PRO B 6 7.53 2.90 -3.72
CA PRO B 6 6.68 2.18 -4.67
C PRO B 6 5.38 2.93 -4.88
N TRP B 7 4.79 2.68 -6.05
CA TRP B 7 3.56 3.35 -6.45
C TRP B 7 2.38 2.42 -6.15
N ASP B 8 1.70 2.68 -5.04
CA ASP B 8 0.58 1.87 -4.61
C ASP B 8 -0.30 2.74 -3.75
N THR B 9 -1.54 2.29 -3.54
CA THR B 9 -2.51 3.14 -2.85
C THR B 9 -2.07 3.55 -1.45
N PRO B 10 -1.61 2.64 -0.57
CA PRO B 10 -1.28 3.10 0.79
C PRO B 10 -0.14 4.10 0.82
N GLN B 11 0.89 3.88 0.00
CA GLN B 11 1.96 4.85 -0.14
C GLN B 11 1.43 6.16 -0.70
N LEU B 12 0.69 6.09 -1.81
CA LEU B 12 0.15 7.29 -2.42
C LEU B 12 -0.85 7.98 -1.49
N ALA B 13 -1.63 7.20 -0.73
CA ALA B 13 -2.61 7.82 0.15
C ALA B 13 -1.93 8.66 1.24
N ALA B 14 -0.89 8.10 1.87
CA ALA B 14 -0.20 8.82 2.93
C ALA B 14 0.42 10.12 2.39
N GLU B 15 1.10 10.03 1.24
CA GLU B 15 1.72 11.19 0.63
C GLU B 15 0.71 12.30 0.34
N LEU B 16 -0.48 11.92 -0.15
CA LEU B 16 -1.51 12.92 -0.41
C LEU B 16 -1.84 13.70 0.84
N GLU B 17 -1.83 13.02 2.00
CA GLU B 17 -2.27 13.70 3.21
C GLU B 17 -1.19 14.57 3.84
N ARG B 18 0.08 14.29 3.61
CA ARG B 18 1.08 15.25 4.04
C ARG B 18 1.36 16.32 2.99
N TRP B 19 1.03 16.07 1.72
CA TRP B 19 1.12 17.14 0.73
C TRP B 19 0.13 18.25 1.02
N LYS B 20 -1.04 17.91 1.61
CA LYS B 20 -1.96 18.93 2.12
C LYS B 20 -1.56 19.21 3.56
N LEU B 21 -0.70 20.21 3.72
CA LEU B 21 -0.05 20.58 4.97
C LEU B 21 1.04 21.56 4.61
N ASP B 22 1.60 21.37 3.41
CA ASP B 22 2.51 22.35 2.83
C ASP B 22 1.76 23.50 2.17
N GLY B 23 0.56 23.24 1.66
CA GLY B 23 -0.15 24.25 0.89
C GLY B 23 0.16 24.22 -0.60
N ARG B 24 1.41 23.93 -0.96
CA ARG B 24 1.82 23.92 -2.36
C ARG B 24 1.00 22.92 -3.17
N ASP B 25 0.59 23.33 -4.36
CA ASP B 25 0.08 22.36 -5.32
C ASP B 25 1.20 21.40 -5.73
N VAL B 26 0.78 20.22 -6.19
CA VAL B 26 1.69 19.13 -6.52
C VAL B 26 1.58 18.81 -8.00
N SER B 27 2.71 18.67 -8.67
CA SER B 27 2.78 18.21 -10.04
C SER B 27 3.45 16.83 -10.07
N LEU B 28 2.82 15.90 -10.78
CA LEU B 28 3.34 14.55 -10.97
C LEU B 28 3.79 14.40 -12.42
N LEU B 29 5.04 13.96 -12.60
CA LEU B 29 5.69 13.94 -13.91
C LEU B 29 5.90 12.51 -14.38
N ILE B 30 5.39 12.20 -15.56
CA ILE B 30 5.62 10.92 -16.23
C ILE B 30 6.24 11.24 -17.57
N GLY B 31 7.47 10.76 -17.78
CA GLY B 31 8.18 11.02 -19.01
C GLY B 31 7.78 10.10 -20.15
N GLY B 32 8.68 9.96 -21.12
CA GLY B 32 8.47 9.12 -22.26
C GLY B 32 8.82 7.68 -21.94
N PRO B 33 8.74 6.81 -22.95
CA PRO B 33 9.14 5.41 -22.71
C PRO B 33 10.57 5.30 -22.22
N GLU B 34 11.45 6.15 -22.70
CA GLU B 34 12.85 6.07 -22.33
C GLU B 34 13.15 6.74 -21.00
N GLY B 35 12.22 7.53 -20.48
CA GLY B 35 12.37 8.05 -19.15
C GLY B 35 12.22 9.55 -19.16
N LEU B 36 12.54 10.14 -18.02
CA LEU B 36 12.43 11.58 -17.85
C LEU B 36 13.76 12.26 -18.17
N SER B 37 13.67 13.54 -18.52
CA SER B 37 14.74 14.55 -18.57
C SER B 37 15.74 14.37 -17.45
N PRO B 38 16.96 14.89 -17.59
CA PRO B 38 17.85 15.00 -16.43
C PRO B 38 17.49 16.20 -15.56
N ALA B 39 17.07 17.29 -16.18
CA ALA B 39 16.65 18.44 -15.40
C ALA B 39 15.35 18.19 -14.65
N CYS B 40 14.64 17.11 -14.99
CA CYS B 40 13.53 16.60 -14.20
C CYS B 40 14.00 15.85 -12.97
N LYS B 41 15.02 15.01 -13.11
CA LYS B 41 15.55 14.32 -11.95
C LYS B 41 16.12 15.30 -10.95
N ALA B 42 16.72 16.40 -11.41
CA ALA B 42 17.28 17.38 -10.50
C ALA B 42 16.21 18.22 -9.83
N ALA B 43 15.10 18.44 -10.51
CA ALA B 43 14.04 19.28 -9.96
C ALA B 43 13.07 18.55 -9.04
N ALA B 44 13.12 17.20 -9.00
CA ALA B 44 12.16 16.43 -8.22
C ALA B 44 12.38 16.65 -6.72
N GLU B 45 11.30 16.94 -6.01
CA GLU B 45 11.32 16.90 -4.55
C GLU B 45 11.30 15.46 -4.05
N GLN B 46 10.71 14.56 -4.81
CA GLN B 46 10.63 13.15 -4.42
C GLN B 46 10.28 12.35 -5.66
N SER B 47 10.43 11.03 -5.56
CA SER B 47 10.28 10.17 -6.72
C SER B 47 9.59 8.88 -6.32
N PHE B 48 8.77 8.36 -7.23
CA PHE B 48 8.18 7.04 -7.07
C PHE B 48 8.58 6.18 -8.25
N SER B 49 8.64 4.88 -8.02
CA SER B 49 8.89 3.92 -9.07
C SER B 49 7.55 3.43 -9.61
N LEU B 50 7.49 3.18 -10.91
CA LEU B 50 6.28 2.67 -11.53
C LEU B 50 6.38 1.18 -11.88
N SER B 51 7.35 0.48 -11.30
CA SER B 51 7.57 -0.93 -11.61
C SER B 51 6.49 -1.86 -11.04
N ALA B 52 5.71 -1.39 -10.07
CA ALA B 52 4.57 -2.15 -9.59
C ALA B 52 3.36 -2.08 -10.53
N LEU B 53 3.41 -1.22 -11.56
CA LEU B 53 2.35 -1.12 -12.55
C LEU B 53 2.42 -2.29 -13.51
N THR B 54 1.44 -3.18 -13.44
CA THR B 54 1.35 -4.31 -14.34
C THR B 54 0.11 -4.18 -15.22
N LEU B 55 0.21 -4.77 -16.39
CA LEU B 55 -0.93 -4.99 -17.27
C LEU B 55 -2.08 -5.60 -16.46
N PRO B 56 -3.24 -4.94 -16.41
CA PRO B 56 -4.40 -5.57 -15.77
C PRO B 56 -4.91 -6.74 -16.59
N HIS B 57 -5.30 -7.80 -15.88
CA HIS B 57 -5.65 -9.05 -16.55
C HIS B 57 -6.73 -8.91 -17.62
N PRO B 58 -7.78 -8.11 -17.43
CA PRO B 58 -8.74 -7.92 -18.52
C PRO B 58 -8.12 -7.46 -19.83
N LEU B 59 -6.99 -6.74 -19.79
CA LEU B 59 -6.38 -6.29 -21.03
C LEU B 59 -5.57 -7.36 -21.71
N VAL B 60 -5.36 -8.50 -21.06
CA VAL B 60 -4.59 -9.55 -21.70
C VAL B 60 -5.29 -10.04 -22.96
N ARG B 61 -6.59 -10.32 -22.87
CA ARG B 61 -7.27 -10.80 -24.06
C ARG B 61 -7.37 -9.70 -25.10
N VAL B 62 -7.40 -8.45 -24.67
CA VAL B 62 -7.40 -7.35 -25.62
C VAL B 62 -6.13 -7.38 -26.45
N LEU B 63 -4.99 -7.46 -25.77
CA LEU B 63 -3.72 -7.51 -26.47
C LEU B 63 -3.63 -8.76 -27.36
N VAL B 64 -4.09 -9.90 -26.86
CA VAL B 64 -4.09 -11.12 -27.66
C VAL B 64 -4.89 -10.91 -28.95
N ALA B 65 -6.11 -10.39 -28.81
CA ALA B 65 -6.91 -10.10 -30.00
C ALA B 65 -6.11 -9.25 -30.98
N GLU B 66 -5.59 -8.11 -30.51
CA GLU B 66 -4.82 -7.22 -31.36
C GLU B 66 -3.66 -7.96 -32.02
N SER B 67 -2.92 -8.72 -31.23
CA SER B 67 -1.76 -9.43 -31.77
C SER B 67 -2.18 -10.47 -32.82
N LEU B 68 -3.35 -11.10 -32.67
CA LEU B 68 -3.78 -12.05 -33.70
C LEU B 68 -4.19 -11.33 -34.97
N TYR B 69 -4.99 -10.28 -34.83
CA TYR B 69 -5.28 -9.40 -35.95
C TYR B 69 -4.00 -8.99 -36.66
N ARG B 70 -2.96 -8.66 -35.89
CA ARG B 70 -1.69 -8.22 -36.45
C ARG B 70 -0.89 -9.37 -37.08
N ALA B 71 -1.15 -10.61 -36.69
CA ALA B 71 -0.47 -11.73 -37.33
C ALA B 71 -1.26 -12.26 -38.52
N TRP B 72 -2.59 -12.20 -38.43
CA TRP B 72 -3.43 -12.49 -39.58
C TRP B 72 -3.07 -11.59 -40.75
N SER B 73 -2.65 -10.35 -40.47
CA SER B 73 -2.42 -9.36 -41.51
C SER B 73 -1.13 -9.61 -42.28
N ILE B 74 -0.13 -10.23 -41.66
CA ILE B 74 1.11 -10.56 -42.37
C ILE B 74 0.79 -11.62 -43.42
N THR B 75 0.31 -11.18 -44.59
CA THR B 75 -0.08 -12.07 -45.69
C THR B 75 0.14 -11.37 -47.02
N MET B 86 -9.80 -22.97 -40.31
CA MET B 86 -9.62 -21.60 -40.76
C MET B 86 -10.05 -20.63 -39.68
N LYS B 87 -11.00 -21.04 -38.86
CA LYS B 87 -11.55 -20.13 -37.87
C LYS B 87 -10.68 -20.12 -36.63
N LEU B 88 -10.38 -18.91 -36.14
CA LEU B 88 -9.60 -18.69 -34.93
C LEU B 88 -10.53 -18.17 -33.85
N GLN B 89 -10.57 -18.88 -32.74
CA GLN B 89 -11.57 -18.65 -31.70
C GLN B 89 -10.84 -18.39 -30.39
N LEU B 90 -10.98 -17.17 -29.86
CA LEU B 90 -10.36 -16.80 -28.60
C LEU B 90 -11.39 -17.01 -27.50
N VAL B 91 -11.12 -17.96 -26.60
CA VAL B 91 -12.01 -18.31 -25.50
C VAL B 91 -11.36 -17.75 -24.24
N ALA B 92 -11.91 -16.67 -23.72
CA ALA B 92 -11.29 -15.99 -22.59
C ALA B 92 -12.29 -15.81 -21.46
N VAL B 93 -11.81 -15.96 -20.24
CA VAL B 93 -12.58 -15.53 -19.08
C VAL B 93 -12.73 -14.01 -19.10
N GLY B 94 -13.96 -13.53 -18.98
CA GLY B 94 -14.20 -12.10 -19.09
C GLY B 94 -14.24 -11.38 -17.77
N THR B 95 -13.11 -11.35 -17.08
CA THR B 95 -12.96 -10.46 -15.95
C THR B 95 -13.34 -9.05 -16.37
N LYS B 96 -14.12 -8.39 -15.52
CA LYS B 96 -14.59 -7.04 -15.78
C LYS B 96 -13.43 -6.15 -16.23
N MET B 97 -13.64 -5.46 -17.33
CA MET B 97 -12.59 -4.60 -17.81
C MET B 97 -12.58 -3.26 -17.07
N PRO B 98 -11.43 -2.57 -17.09
CA PRO B 98 -11.31 -1.29 -16.38
C PRO B 98 -12.37 -0.30 -16.82
N ASP B 99 -12.75 0.56 -15.88
CA ASP B 99 -13.74 1.58 -16.19
C ASP B 99 -13.36 2.38 -17.42
N TRP B 100 -12.07 2.69 -17.59
CA TRP B 100 -11.67 3.57 -18.69
C TRP B 100 -11.79 2.87 -20.03
N VAL B 101 -11.63 1.55 -20.05
CA VAL B 101 -11.45 0.87 -21.34
C VAL B 101 -12.78 0.40 -21.92
N GLN B 102 -13.73 -0.03 -21.10
CA GLN B 102 -14.83 -0.77 -21.71
C GLN B 102 -15.79 0.18 -22.44
N THR B 103 -16.56 -0.44 -23.35
CA THR B 103 -17.26 0.13 -24.50
C THR B 103 -16.31 0.41 -25.65
N GLY B 104 -15.00 0.43 -25.37
CA GLY B 104 -14.03 0.74 -26.40
C GLY B 104 -13.46 -0.50 -27.06
N PHE B 105 -13.56 -1.63 -26.36
CA PHE B 105 -13.10 -2.89 -26.96
C PHE B 105 -14.17 -3.48 -27.86
N THR B 106 -15.41 -3.51 -27.37
CA THR B 106 -16.54 -4.00 -28.16
C THR B 106 -16.60 -3.30 -29.52
N GLU B 107 -16.36 -1.99 -29.53
CA GLU B 107 -16.35 -1.23 -30.78
C GLU B 107 -15.13 -1.60 -31.62
N TYR B 108 -13.95 -1.67 -30.99
CA TYR B 108 -12.73 -2.08 -31.70
C TYR B 108 -12.91 -3.44 -32.37
N LEU B 109 -13.65 -4.35 -31.70
CA LEU B 109 -13.86 -5.68 -32.28
C LEU B 109 -14.87 -5.61 -33.42
N ARG B 110 -15.96 -4.87 -33.22
CA ARG B 110 -16.99 -4.78 -34.24
C ARG B 110 -16.41 -4.39 -35.60
N ARG B 111 -15.38 -3.54 -35.60
CA ARG B 111 -14.75 -3.10 -36.85
C ARG B 111 -13.46 -3.86 -37.14
N PHE B 112 -13.45 -5.14 -36.81
CA PHE B 112 -12.43 -6.03 -37.32
C PHE B 112 -12.70 -6.36 -38.79
N PRO B 113 -11.66 -6.65 -39.57
CA PRO B 113 -11.86 -6.97 -40.99
C PRO B 113 -12.78 -8.17 -41.20
N LYS B 114 -13.81 -7.95 -42.00
CA LYS B 114 -14.86 -8.95 -42.25
C LYS B 114 -14.34 -10.25 -42.88
N ASP B 115 -13.08 -10.29 -43.36
CA ASP B 115 -12.51 -11.54 -43.85
C ASP B 115 -11.58 -12.22 -42.85
N MET B 116 -11.21 -11.56 -41.76
CA MET B 116 -10.49 -12.25 -40.71
C MET B 116 -11.45 -13.20 -40.00
N PRO B 117 -11.25 -14.54 -40.08
CA PRO B 117 -12.11 -15.51 -39.37
C PRO B 117 -11.78 -15.56 -37.88
N PHE B 118 -12.38 -14.65 -37.14
CA PHE B 118 -12.10 -14.46 -35.73
C PHE B 118 -13.40 -14.33 -34.97
N GLU B 119 -13.41 -14.82 -33.75
CA GLU B 119 -14.49 -14.43 -32.86
C GLU B 119 -13.97 -14.45 -31.44
N LEU B 120 -14.42 -13.50 -30.66
CA LEU B 120 -14.15 -13.51 -29.23
C LEU B 120 -15.30 -14.20 -28.52
N ILE B 121 -14.98 -15.22 -27.74
CA ILE B 121 -15.94 -15.91 -26.89
C ILE B 121 -15.50 -15.70 -25.46
N GLU B 122 -16.30 -14.96 -24.70
CA GLU B 122 -15.98 -14.64 -23.32
C GLU B 122 -16.80 -15.53 -22.39
N ILE B 123 -16.13 -16.11 -21.41
CA ILE B 123 -16.77 -16.92 -20.38
C ILE B 123 -16.98 -16.03 -19.15
N PRO B 124 -18.19 -15.91 -18.63
CA PRO B 124 -18.38 -15.14 -17.39
C PRO B 124 -17.41 -15.59 -16.31
N ALA B 125 -16.92 -14.63 -15.53
CA ALA B 125 -15.97 -14.94 -14.46
C ALA B 125 -16.72 -15.29 -13.17
N GLY B 126 -16.27 -16.37 -12.52
CA GLY B 126 -16.70 -16.63 -11.16
C GLY B 126 -16.21 -15.53 -10.23
N LYS B 127 -17.05 -15.18 -9.25
CA LYS B 127 -16.77 -14.03 -8.41
C LYS B 127 -15.71 -14.40 -7.38
N ARG B 128 -14.56 -13.77 -7.48
CA ARG B 128 -13.50 -13.99 -6.52
C ARG B 128 -13.73 -13.14 -5.27
N GLY B 129 -13.33 -13.68 -4.13
CA GLY B 129 -13.44 -12.90 -2.90
C GLY B 129 -12.75 -13.63 -1.77
N LYS B 130 -12.59 -12.92 -0.66
CA LYS B 130 -12.01 -13.53 0.54
C LYS B 130 -12.72 -14.81 0.93
N ASN B 131 -13.97 -14.98 0.48
CA ASN B 131 -14.81 -16.11 0.78
C ASN B 131 -14.60 -17.29 -0.18
N ALA B 132 -14.22 -17.00 -1.42
CA ALA B 132 -14.29 -17.99 -2.49
C ALA B 132 -12.98 -18.77 -2.58
N ASP B 133 -13.09 -20.09 -2.64
CA ASP B 133 -11.95 -20.93 -3.03
C ASP B 133 -11.78 -20.85 -4.54
N ILE B 134 -10.62 -20.37 -5.00
CA ILE B 134 -10.46 -20.15 -6.42
C ILE B 134 -10.21 -21.44 -7.18
N LYS B 135 -9.73 -22.50 -6.51
CA LYS B 135 -9.66 -23.83 -7.14
C LYS B 135 -11.00 -24.21 -7.78
N ARG B 136 -12.11 -23.89 -7.12
CA ARG B 136 -13.41 -24.27 -7.66
C ARG B 136 -14.01 -23.22 -8.57
N ILE B 137 -13.60 -21.96 -8.47
CA ILE B 137 -13.95 -20.99 -9.51
C ILE B 137 -13.26 -21.36 -10.81
N LEU B 138 -11.97 -21.74 -10.75
CA LEU B 138 -11.27 -22.13 -11.97
C LEU B 138 -11.90 -23.36 -12.62
N ASP B 139 -12.40 -24.28 -11.79
CA ASP B 139 -13.03 -25.49 -12.30
C ASP B 139 -14.23 -25.17 -13.20
N LYS B 140 -15.18 -24.35 -12.71
CA LYS B 140 -16.34 -24.02 -13.56
C LYS B 140 -15.92 -23.31 -14.82
N GLU B 141 -15.02 -22.33 -14.70
CA GLU B 141 -14.59 -21.54 -15.86
C GLU B 141 -14.00 -22.46 -16.92
N GLY B 142 -13.05 -23.30 -16.55
CA GLY B 142 -12.47 -24.21 -17.51
C GLY B 142 -13.51 -25.15 -18.11
N GLU B 143 -14.45 -25.64 -17.28
CA GLU B 143 -15.42 -26.60 -17.80
C GLU B 143 -16.23 -25.97 -18.93
N GLN B 144 -16.61 -24.71 -18.76
CA GLN B 144 -17.31 -24.01 -19.83
C GLN B 144 -16.38 -23.65 -21.00
N MET B 145 -15.11 -23.36 -20.72
CA MET B 145 -14.18 -23.02 -21.80
C MET B 145 -13.98 -24.19 -22.73
N LEU B 146 -13.77 -25.38 -22.16
CA LEU B 146 -13.63 -26.62 -22.94
C LEU B 146 -14.89 -26.92 -23.73
N ALA B 147 -16.05 -26.74 -23.11
CA ALA B 147 -17.29 -26.85 -23.86
C ALA B 147 -17.26 -25.94 -25.09
N ALA B 148 -16.91 -24.65 -24.90
CA ALA B 148 -16.92 -23.72 -26.02
C ALA B 148 -15.88 -24.05 -27.06
N ALA B 149 -14.77 -24.67 -26.66
CA ALA B 149 -13.74 -25.02 -27.62
C ALA B 149 -14.08 -26.29 -28.39
N GLY B 150 -14.85 -27.21 -27.79
CA GLY B 150 -15.33 -28.36 -28.53
C GLY B 150 -14.17 -29.21 -29.04
N LYS B 151 -14.25 -29.61 -30.30
CA LYS B 151 -13.21 -30.45 -30.89
C LYS B 151 -12.10 -29.65 -31.57
N ASN B 152 -12.08 -28.34 -31.43
CA ASN B 152 -11.07 -27.51 -32.09
C ASN B 152 -9.66 -27.88 -31.60
N ARG B 153 -8.66 -27.40 -32.32
CA ARG B 153 -7.32 -27.42 -31.75
C ARG B 153 -7.30 -26.52 -30.50
N ILE B 154 -6.71 -27.03 -29.42
CA ILE B 154 -6.72 -26.36 -28.11
C ILE B 154 -5.35 -25.76 -27.85
N VAL B 155 -5.30 -24.44 -27.72
CA VAL B 155 -4.09 -23.68 -27.42
C VAL B 155 -4.31 -22.87 -26.16
N THR B 156 -3.60 -23.21 -25.10
CA THR B 156 -3.72 -22.49 -23.84
C THR B 156 -2.78 -21.29 -23.85
N LEU B 157 -3.16 -20.26 -23.11
CA LEU B 157 -2.40 -19.01 -23.03
C LEU B 157 -2.30 -18.70 -21.55
N ASP B 158 -1.23 -19.14 -20.92
CA ASP B 158 -1.10 -18.92 -19.49
C ASP B 158 0.35 -18.71 -19.05
N LYS C 5 11.60 -17.81 15.63
CA LYS C 5 12.16 -17.28 14.37
C LYS C 5 11.85 -15.79 14.16
N PRO C 6 12.91 -15.02 13.83
CA PRO C 6 12.93 -13.55 14.01
C PRO C 6 11.63 -12.77 13.85
N TRP C 7 11.06 -12.77 12.65
CA TRP C 7 10.00 -11.86 12.19
C TRP C 7 10.49 -10.45 11.88
N ASP C 8 11.30 -10.30 10.83
CA ASP C 8 11.46 -9.03 10.14
C ASP C 8 11.19 -9.30 8.66
N THR C 9 11.28 -8.26 7.83
CA THR C 9 10.81 -8.38 6.46
C THR C 9 11.52 -9.46 5.64
N PRO C 10 12.84 -9.68 5.74
CA PRO C 10 13.45 -10.74 4.94
C PRO C 10 12.95 -12.13 5.28
N GLN C 11 12.82 -12.44 6.57
CA GLN C 11 12.29 -13.74 6.96
C GLN C 11 10.86 -13.91 6.45
N LEU C 12 10.02 -12.87 6.62
CA LEU C 12 8.62 -12.94 6.19
C LEU C 12 8.52 -12.97 4.67
N ALA C 13 9.32 -12.17 3.98
CA ALA C 13 9.25 -12.18 2.51
C ALA C 13 9.63 -13.55 1.95
N ALA C 14 10.52 -14.26 2.64
CA ALA C 14 10.95 -15.59 2.22
C ALA C 14 9.89 -16.65 2.49
N GLU C 15 9.37 -16.68 3.72
CA GLU C 15 8.28 -17.59 4.07
C GLU C 15 7.07 -17.37 3.17
N LEU C 16 6.77 -16.10 2.88
CA LEU C 16 5.72 -15.76 1.93
C LEU C 16 5.97 -16.43 0.59
N GLU C 17 7.23 -16.51 0.17
CA GLU C 17 7.54 -17.10 -1.13
C GLU C 17 7.32 -18.61 -1.13
N ARG C 18 7.68 -19.29 -0.05
CA ARG C 18 7.48 -20.73 -0.04
C ARG C 18 6.07 -21.15 0.35
N TRP C 19 5.28 -20.26 0.96
CA TRP C 19 3.87 -20.60 1.16
C TRP C 19 3.11 -20.64 -0.15
N LYS C 20 3.59 -19.94 -1.20
CA LYS C 20 2.93 -19.92 -2.50
C LYS C 20 3.03 -21.27 -3.22
N LEU C 21 4.23 -21.85 -3.26
CA LEU C 21 4.40 -23.14 -3.91
C LEU C 21 3.55 -24.21 -3.26
N ASP C 22 3.31 -24.11 -1.95
CA ASP C 22 2.40 -25.04 -1.30
C ASP C 22 0.99 -24.92 -1.88
N GLY C 23 0.47 -23.69 -1.95
CA GLY C 23 -0.87 -23.46 -2.46
C GLY C 23 -1.97 -23.46 -1.42
N ARG C 24 -1.70 -23.94 -0.21
CA ARG C 24 -2.68 -23.81 0.86
C ARG C 24 -2.77 -22.37 1.34
N ASP C 25 -3.97 -21.94 1.69
CA ASP C 25 -4.11 -20.65 2.31
C ASP C 25 -3.41 -20.65 3.67
N VAL C 26 -3.12 -19.45 4.19
CA VAL C 26 -2.28 -19.32 5.36
C VAL C 26 -2.98 -18.47 6.41
N SER C 27 -3.01 -18.95 7.64
CA SER C 27 -3.57 -18.21 8.76
C SER C 27 -2.48 -17.87 9.79
N LEU C 28 -2.31 -16.57 10.05
CA LEU C 28 -1.41 -16.07 11.10
C LEU C 28 -2.21 -15.77 12.35
N LEU C 29 -1.87 -16.44 13.43
CA LEU C 29 -2.58 -16.32 14.70
C LEU C 29 -1.82 -15.43 15.67
N ILE C 30 -2.50 -14.42 16.20
CA ILE C 30 -1.99 -13.61 17.30
C ILE C 30 -3.02 -13.68 18.41
N GLY C 31 -2.62 -14.19 19.56
CA GLY C 31 -3.50 -14.28 20.70
C GLY C 31 -3.50 -13.01 21.53
N GLY C 32 -3.84 -13.19 22.81
CA GLY C 32 -4.01 -12.09 23.73
C GLY C 32 -2.69 -11.71 24.35
N PRO C 33 -2.72 -10.82 25.35
CA PRO C 33 -1.44 -10.32 25.92
C PRO C 33 -0.67 -11.36 26.70
N GLU C 34 -1.33 -12.42 27.19
CA GLU C 34 -0.59 -13.47 27.89
C GLU C 34 0.12 -14.38 26.91
N GLY C 35 -0.64 -15.06 26.04
CA GLY C 35 -0.06 -15.77 24.92
C GLY C 35 -1.11 -16.51 24.15
N LEU C 36 -0.74 -17.65 23.58
CA LEU C 36 -1.65 -18.53 22.85
C LEU C 36 -2.00 -19.76 23.67
N SER C 37 -3.28 -20.13 23.67
CA SER C 37 -3.71 -21.39 24.27
C SER C 37 -2.91 -22.55 23.68
N PRO C 38 -2.71 -23.62 24.46
CA PRO C 38 -1.90 -24.74 23.95
C PRO C 38 -2.47 -25.40 22.71
N ALA C 39 -3.79 -25.34 22.51
CA ALA C 39 -4.39 -25.93 21.31
C ALA C 39 -3.81 -25.31 20.05
N CYS C 40 -3.65 -23.98 20.05
CA CYS C 40 -2.96 -23.30 18.97
C CYS C 40 -1.50 -23.72 18.87
N LYS C 41 -0.86 -23.96 20.01
CA LYS C 41 0.53 -24.41 19.97
C LYS C 41 0.66 -25.74 19.26
N ALA C 42 -0.27 -26.66 19.51
CA ALA C 42 -0.22 -27.95 18.84
C ALA C 42 -0.59 -27.84 17.38
N ALA C 43 -1.35 -26.81 17.01
CA ALA C 43 -1.86 -26.69 15.64
C ALA C 43 -0.88 -26.00 14.69
N ALA C 44 0.06 -25.22 15.20
CA ALA C 44 1.00 -24.51 14.35
C ALA C 44 1.92 -25.48 13.65
N GLU C 45 2.13 -25.25 12.34
CA GLU C 45 3.26 -25.89 11.69
C GLU C 45 4.46 -24.95 11.58
N GLN C 46 4.31 -23.69 11.97
CA GLN C 46 5.43 -22.76 12.03
C GLN C 46 5.17 -21.74 13.12
N SER C 47 6.25 -21.19 13.66
CA SER C 47 6.16 -20.14 14.66
C SER C 47 7.10 -18.99 14.34
N PHE C 48 6.63 -17.79 14.57
CA PHE C 48 7.46 -16.61 14.55
C PHE C 48 7.46 -16.02 15.93
N SER C 49 8.62 -15.49 16.35
CA SER C 49 8.66 -14.66 17.53
C SER C 49 8.30 -13.24 17.13
N LEU C 50 7.57 -12.56 17.99
CA LEU C 50 7.27 -11.16 17.78
C LEU C 50 8.17 -10.25 18.61
N SER C 51 9.17 -10.82 19.28
CA SER C 51 9.90 -10.07 20.29
C SER C 51 10.79 -8.99 19.69
N ALA C 52 11.10 -9.07 18.40
CA ALA C 52 11.83 -8.02 17.69
C ALA C 52 10.96 -6.84 17.32
N LEU C 53 9.65 -6.97 17.52
CA LEU C 53 8.67 -5.97 17.14
C LEU C 53 8.54 -4.92 18.25
N THR C 54 8.90 -3.68 17.95
CA THR C 54 9.13 -2.67 18.97
C THR C 54 8.31 -1.42 18.70
N LEU C 55 8.03 -0.70 19.78
CA LEU C 55 7.30 0.56 19.75
C LEU C 55 7.94 1.54 18.77
N PRO C 56 7.22 1.97 17.73
CA PRO C 56 7.84 2.90 16.78
C PRO C 56 8.03 4.29 17.40
N HIS C 57 9.21 4.86 17.15
CA HIS C 57 9.60 6.11 17.80
C HIS C 57 8.58 7.24 17.71
N PRO C 58 7.87 7.44 16.60
CA PRO C 58 6.82 8.48 16.58
C PRO C 58 5.76 8.30 17.65
N LEU C 59 5.56 7.09 18.14
CA LEU C 59 4.58 6.86 19.18
C LEU C 59 5.14 7.11 20.56
N VAL C 60 6.43 7.43 20.69
CA VAL C 60 6.97 7.74 22.02
C VAL C 60 6.22 8.93 22.62
N ARG C 61 6.05 10.01 21.83
CA ARG C 61 5.43 11.23 22.33
C ARG C 61 3.92 11.10 22.46
N VAL C 62 3.31 10.15 21.75
CA VAL C 62 1.90 9.85 22.01
C VAL C 62 1.74 9.33 23.42
N LEU C 63 2.52 8.30 23.77
CA LEU C 63 2.44 7.67 25.07
C LEU C 63 2.83 8.62 26.19
N VAL C 64 3.77 9.53 25.93
CA VAL C 64 4.10 10.54 26.93
C VAL C 64 2.92 11.48 27.13
N ALA C 65 2.31 11.94 26.02
CA ALA C 65 1.13 12.78 26.13
C ALA C 65 0.02 12.06 26.89
N GLU C 66 -0.23 10.80 26.56
CA GLU C 66 -1.19 9.99 27.30
C GLU C 66 -0.81 9.94 28.77
N SER C 67 0.43 9.56 29.04
CA SER C 67 0.91 9.43 30.41
C SER C 67 0.70 10.72 31.19
N LEU C 68 0.90 11.88 30.55
CA LEU C 68 0.78 13.13 31.30
C LEU C 68 -0.66 13.53 31.51
N TYR C 69 -1.53 13.29 30.53
CA TYR C 69 -2.97 13.41 30.75
C TYR C 69 -3.35 12.71 32.05
N ARG C 70 -2.82 11.50 32.26
CA ARG C 70 -3.23 10.66 33.37
C ARG C 70 -2.64 11.14 34.68
N ALA C 71 -1.36 11.52 34.68
CA ALA C 71 -0.79 12.09 35.89
C ALA C 71 -1.52 13.36 36.26
N TRP C 72 -1.95 14.12 35.27
CA TRP C 72 -2.68 15.34 35.56
C TRP C 72 -4.02 15.04 36.21
N SER C 73 -4.75 14.05 35.70
CA SER C 73 -6.05 13.72 36.25
C SER C 73 -5.95 13.21 37.69
N ILE C 74 -4.82 12.65 38.08
CA ILE C 74 -4.63 12.24 39.47
C ILE C 74 -4.61 13.47 40.39
N THR C 75 -3.78 14.46 40.07
CA THR C 75 -3.81 15.74 40.78
C THR C 75 -5.22 16.32 40.85
N THR C 76 -6.12 15.85 39.98
CA THR C 76 -7.53 16.22 39.90
C THR C 76 -7.67 17.61 39.32
N MET C 86 0.48 26.60 35.52
CA MET C 86 1.69 25.79 35.35
C MET C 86 1.61 25.00 34.05
N LYS C 87 2.27 25.50 33.02
CA LYS C 87 2.20 24.87 31.71
C LYS C 87 3.18 23.70 31.65
N LEU C 88 2.75 22.65 30.95
CA LEU C 88 3.59 21.51 30.63
C LEU C 88 3.77 21.48 29.13
N GLN C 89 5.02 21.53 28.70
CA GLN C 89 5.39 21.69 27.30
C GLN C 89 6.07 20.41 26.85
N LEU C 90 5.48 19.77 25.84
CA LEU C 90 6.09 18.59 25.27
C LEU C 90 6.78 19.04 23.99
N VAL C 91 8.10 19.03 23.99
CA VAL C 91 8.90 19.50 22.89
C VAL C 91 9.53 18.27 22.30
N ALA C 92 9.06 17.88 21.11
CA ALA C 92 9.37 16.57 20.56
C ALA C 92 9.72 16.71 19.10
N VAL C 93 10.78 16.04 18.69
CA VAL C 93 11.09 15.90 17.27
C VAL C 93 9.89 15.27 16.57
N GLY C 94 9.38 15.95 15.56
CA GLY C 94 8.16 15.49 14.91
C GLY C 94 8.44 14.43 13.87
N THR C 95 9.06 13.34 14.27
CA THR C 95 9.26 12.28 13.32
C THR C 95 7.91 11.79 12.78
N LYS C 96 7.96 11.25 11.58
CA LYS C 96 6.77 11.00 10.78
C LYS C 96 5.92 9.92 11.44
N MET C 97 4.61 10.21 11.60
CA MET C 97 3.69 9.28 12.24
C MET C 97 3.34 8.10 11.31
N PRO C 98 3.24 6.89 11.84
CA PRO C 98 2.89 5.75 11.00
C PRO C 98 1.57 6.00 10.29
N ASP C 99 1.37 5.27 9.21
CA ASP C 99 0.22 5.52 8.35
C ASP C 99 -1.09 4.99 8.91
N TRP C 100 -1.08 4.36 10.07
CA TRP C 100 -2.32 3.93 10.70
C TRP C 100 -2.74 4.85 11.81
N VAL C 101 -1.96 5.87 12.12
CA VAL C 101 -2.41 6.75 13.17
C VAL C 101 -2.87 8.03 12.52
N GLN C 102 -2.21 8.40 11.40
CA GLN C 102 -2.55 9.51 10.53
C GLN C 102 -2.98 10.76 11.30
N THR C 103 -4.27 10.87 11.61
CA THR C 103 -4.85 12.04 12.25
C THR C 103 -5.58 11.72 13.56
N GLY C 104 -5.73 10.44 13.91
CA GLY C 104 -6.30 10.09 15.21
C GLY C 104 -5.50 10.58 16.41
N PHE C 105 -4.30 11.12 16.21
CA PHE C 105 -3.56 11.75 17.31
C PHE C 105 -3.73 13.26 17.36
N THR C 106 -3.71 13.94 16.22
CA THR C 106 -3.95 15.37 16.25
C THR C 106 -5.32 15.67 16.83
N GLU C 107 -6.32 14.84 16.52
CA GLU C 107 -7.62 15.06 17.13
C GLU C 107 -7.70 14.49 18.53
N TYR C 108 -6.90 13.45 18.85
CA TYR C 108 -6.81 13.02 20.25
C TYR C 108 -6.38 14.17 21.15
N LEU C 109 -5.49 15.04 20.66
CA LEU C 109 -5.03 16.21 21.42
C LEU C 109 -6.11 17.30 21.46
N ARG C 110 -6.61 17.71 20.30
CA ARG C 110 -7.68 18.71 20.21
C ARG C 110 -9.00 18.15 20.75
N ARG C 111 -8.90 17.32 21.81
CA ARG C 111 -10.04 16.96 22.64
C ARG C 111 -9.61 16.79 24.10
N PHE C 112 -8.37 17.16 24.44
CA PHE C 112 -7.96 17.23 25.84
C PHE C 112 -8.82 18.22 26.60
N PRO C 113 -8.96 18.07 27.91
CA PRO C 113 -9.71 19.07 28.70
C PRO C 113 -9.11 20.46 28.54
N LYS C 114 -9.98 21.43 28.26
CA LYS C 114 -9.55 22.81 28.12
C LYS C 114 -8.84 23.33 29.37
N ASP C 115 -9.10 22.71 30.53
CA ASP C 115 -8.50 23.15 31.77
C ASP C 115 -7.11 22.55 31.98
N MET C 116 -6.78 21.43 31.32
CA MET C 116 -5.41 20.92 31.38
C MET C 116 -4.50 21.92 30.67
N PRO C 117 -3.44 22.44 31.32
CA PRO C 117 -2.56 23.42 30.68
C PRO C 117 -1.44 22.74 29.92
N PHE C 118 -1.69 22.39 28.65
CA PHE C 118 -0.81 21.47 27.96
C PHE C 118 -0.57 21.97 26.54
N GLU C 119 0.66 21.77 26.07
CA GLU C 119 1.04 22.16 24.73
C GLU C 119 1.93 21.08 24.15
N LEU C 120 1.63 20.64 22.94
CA LEU C 120 2.57 19.84 22.16
C LEU C 120 3.32 20.79 21.24
N ILE C 121 4.64 20.79 21.34
CA ILE C 121 5.51 21.54 20.46
C ILE C 121 6.30 20.51 19.67
N GLU C 122 6.00 20.38 18.39
CA GLU C 122 6.77 19.47 17.56
C GLU C 122 7.84 20.25 16.83
N ILE C 123 9.05 19.73 16.88
CA ILE C 123 10.19 20.29 16.16
C ILE C 123 10.36 19.47 14.90
N PRO C 124 10.47 20.08 13.73
CA PRO C 124 10.69 19.32 12.50
C PRO C 124 11.91 18.42 12.64
N ALA C 125 11.83 17.24 12.01
CA ALA C 125 12.92 16.27 12.03
C ALA C 125 13.80 16.42 10.79
N GLY C 126 15.12 16.39 10.98
CA GLY C 126 16.02 16.35 9.85
C GLY C 126 16.00 15.02 9.14
N LYS C 127 16.35 15.04 7.85
CA LYS C 127 16.20 13.89 6.97
C LYS C 127 17.32 12.89 7.21
N ARG C 128 16.99 11.77 7.83
CA ARG C 128 17.96 10.72 8.04
C ARG C 128 18.09 9.89 6.75
N GLY C 129 19.32 9.64 6.33
CA GLY C 129 19.55 8.96 5.07
C GLY C 129 20.85 8.18 5.13
N LYS C 130 21.18 7.55 4.01
CA LYS C 130 22.41 6.77 3.93
C LYS C 130 23.64 7.67 4.08
N ASN C 131 23.60 8.86 3.49
CA ASN C 131 24.69 9.82 3.64
C ASN C 131 24.12 11.07 4.28
N ALA C 132 24.41 11.23 5.56
CA ALA C 132 23.86 12.24 6.44
C ALA C 132 24.46 11.94 7.79
N ASP C 133 25.27 12.85 8.33
CA ASP C 133 25.84 12.64 9.65
C ASP C 133 24.74 12.90 10.67
N ILE C 134 24.37 11.87 11.42
CA ILE C 134 23.32 12.05 12.42
C ILE C 134 23.76 13.03 13.53
N LYS C 135 25.06 13.13 13.80
CA LYS C 135 25.55 14.11 14.76
C LYS C 135 25.09 15.52 14.40
N ARG C 136 25.21 15.90 13.12
CA ARG C 136 24.76 17.23 12.69
C ARG C 136 23.24 17.34 12.68
N ILE C 137 22.52 16.23 12.48
CA ILE C 137 21.06 16.27 12.55
C ILE C 137 20.59 16.55 13.98
N LEU C 138 21.14 15.83 14.96
CA LEU C 138 20.75 16.04 16.35
C LEU C 138 21.06 17.45 16.82
N ASP C 139 22.19 17.99 16.35
CA ASP C 139 22.59 19.37 16.65
C ASP C 139 21.48 20.36 16.29
N LYS C 140 21.04 20.40 15.03
CA LYS C 140 19.92 21.29 14.70
C LYS C 140 18.68 20.98 15.51
N GLU C 141 18.32 19.70 15.59
CA GLU C 141 17.12 19.33 16.31
C GLU C 141 17.19 19.83 17.75
N GLY C 142 18.30 19.54 18.43
CA GLY C 142 18.48 20.05 19.79
C GLY C 142 18.49 21.56 19.86
N GLU C 143 19.15 22.22 18.89
CA GLU C 143 19.22 23.68 18.93
C GLU C 143 17.83 24.30 18.90
N GLN C 144 16.95 23.80 18.05
CA GLN C 144 15.59 24.33 17.98
C GLN C 144 14.78 23.99 19.23
N MET C 145 14.94 22.78 19.77
CA MET C 145 14.21 22.40 20.97
C MET C 145 14.54 23.33 22.14
N LEU C 146 15.84 23.63 22.31
CA LEU C 146 16.26 24.54 23.36
C LEU C 146 15.66 25.93 23.19
N ALA C 147 15.50 26.38 21.94
CA ALA C 147 14.87 27.67 21.72
C ALA C 147 13.43 27.64 22.18
N ALA C 148 12.65 26.65 21.71
CA ALA C 148 11.25 26.57 22.11
C ALA C 148 11.08 26.36 23.61
N ALA C 149 12.07 25.76 24.28
CA ALA C 149 11.98 25.56 25.71
C ALA C 149 12.26 26.83 26.51
N GLY C 150 12.98 27.78 25.93
CA GLY C 150 13.12 29.08 26.58
C GLY C 150 13.73 28.93 27.96
N LYS C 151 13.13 29.60 28.94
CA LYS C 151 13.65 29.59 30.31
C LYS C 151 12.95 28.57 31.21
N ASN C 152 12.08 27.73 30.68
CA ASN C 152 11.38 26.77 31.52
C ASN C 152 12.35 25.83 32.20
N ARG C 153 11.86 25.14 33.21
CA ARG C 153 12.55 23.94 33.63
C ARG C 153 12.63 22.98 32.46
N ILE C 154 13.78 22.37 32.27
CA ILE C 154 14.05 21.51 31.14
C ILE C 154 14.20 20.10 31.67
N VAL C 155 13.37 19.20 31.14
CA VAL C 155 13.32 17.79 31.53
C VAL C 155 13.55 16.95 30.27
N THR C 156 14.62 16.19 30.25
CA THR C 156 14.96 15.34 29.11
C THR C 156 14.39 13.94 29.33
N LEU C 157 13.56 13.49 28.38
CA LEU C 157 13.12 12.09 28.32
C LEU C 157 14.02 11.41 27.29
N ASP C 158 14.99 10.66 27.78
CA ASP C 158 15.93 9.98 26.93
C ASP C 158 15.82 8.49 27.18
N TRP D 7 8.84 3.97 35.89
CA TRP D 7 7.91 4.77 36.67
C TRP D 7 6.44 4.53 36.28
N ASP D 8 5.56 4.57 37.27
CA ASP D 8 4.12 4.49 37.04
C ASP D 8 3.52 5.90 37.17
N THR D 9 2.23 6.00 36.85
CA THR D 9 1.49 7.26 36.94
C THR D 9 1.57 7.86 38.34
N PRO D 10 1.60 7.04 39.43
CA PRO D 10 1.95 7.59 40.74
C PRO D 10 3.18 8.47 40.70
N GLN D 11 4.33 7.90 40.32
CA GLN D 11 5.58 8.67 40.30
C GLN D 11 5.43 9.95 39.49
N LEU D 12 4.90 9.84 38.28
CA LEU D 12 4.79 11.00 37.42
C LEU D 12 3.96 12.10 38.07
N ALA D 13 2.86 11.71 38.73
CA ALA D 13 1.97 12.71 39.31
C ALA D 13 2.59 13.35 40.53
N ALA D 14 3.45 12.63 41.24
CA ALA D 14 4.12 13.20 42.39
C ALA D 14 5.34 14.03 42.01
N GLU D 15 5.92 13.79 40.83
CA GLU D 15 6.90 14.77 40.36
C GLU D 15 6.22 15.98 39.73
N LEU D 16 4.94 15.88 39.36
CA LEU D 16 4.22 17.07 38.93
C LEU D 16 3.98 18.02 40.10
N GLU D 17 3.66 17.47 41.28
CA GLU D 17 3.43 18.31 42.45
C GLU D 17 4.69 19.09 42.81
N ARG D 18 5.85 18.44 42.68
CA ARG D 18 7.11 19.17 42.77
C ARG D 18 7.11 20.38 41.83
N TRP D 19 6.97 20.14 40.54
CA TRP D 19 7.22 21.20 39.55
C TRP D 19 6.30 22.40 39.76
N LYS D 20 5.09 22.18 40.26
CA LYS D 20 4.15 23.27 40.43
C LYS D 20 4.62 24.29 41.48
N LEU D 21 5.53 23.89 42.38
CA LEU D 21 5.83 24.65 43.58
C LEU D 21 7.01 25.62 43.42
N ASP D 22 7.38 26.01 42.19
CA ASP D 22 8.31 27.12 42.02
C ASP D 22 7.88 28.09 40.91
N GLY D 23 6.67 27.90 40.37
CA GLY D 23 6.12 28.81 39.38
C GLY D 23 6.63 28.63 37.96
N ARG D 24 7.51 27.68 37.71
CA ARG D 24 8.13 27.53 36.41
C ARG D 24 7.36 26.52 35.56
N ASP D 25 6.87 26.99 34.41
CA ASP D 25 6.56 26.11 33.29
C ASP D 25 7.65 25.06 33.14
N VAL D 26 7.29 23.89 32.63
CA VAL D 26 8.20 22.76 32.51
C VAL D 26 8.20 22.30 31.08
N SER D 27 9.40 22.18 30.51
CA SER D 27 9.57 21.67 29.15
C SER D 27 10.07 20.24 29.21
N LEU D 28 9.36 19.32 28.56
CA LEU D 28 9.74 17.92 28.46
C LEU D 28 10.23 17.64 27.06
N LEU D 29 11.50 17.23 26.94
CA LEU D 29 12.18 17.10 25.65
C LEU D 29 12.27 15.64 25.22
N ILE D 30 11.67 15.33 24.08
CA ILE D 30 11.89 14.05 23.40
C ILE D 30 12.57 14.34 22.07
N GLY D 31 13.73 13.73 21.87
CA GLY D 31 14.45 13.83 20.62
C GLY D 31 14.02 12.80 19.59
N GLY D 32 14.86 12.65 18.56
CA GLY D 32 14.65 11.66 17.56
C GLY D 32 14.95 10.27 18.07
N PRO D 33 14.77 9.28 17.19
CA PRO D 33 15.12 7.91 17.55
C PRO D 33 16.55 7.77 18.03
N GLU D 34 17.44 8.65 17.57
CA GLU D 34 18.86 8.56 17.89
C GLU D 34 19.21 9.28 19.20
N GLY D 35 18.31 10.09 19.73
CA GLY D 35 18.50 10.68 21.04
C GLY D 35 18.67 12.19 20.94
N LEU D 36 19.07 12.77 22.06
CA LEU D 36 19.05 14.21 22.26
C LEU D 36 20.44 14.78 22.07
N SER D 37 20.50 16.02 21.59
CA SER D 37 21.80 16.62 21.33
C SER D 37 22.60 16.79 22.61
N PRO D 38 23.92 16.95 22.49
CA PRO D 38 24.76 17.27 23.66
C PRO D 38 24.32 18.50 24.45
N ALA D 39 23.86 19.56 23.77
CA ALA D 39 23.42 20.74 24.49
C ALA D 39 22.10 20.52 25.20
N CYS D 40 21.29 19.57 24.73
CA CYS D 40 20.04 19.21 25.40
C CYS D 40 20.30 18.52 26.72
N LYS D 41 21.10 17.45 26.67
CA LYS D 41 21.49 16.76 27.88
C LYS D 41 22.14 17.72 28.85
N ALA D 42 23.02 18.59 28.34
CA ALA D 42 23.75 19.49 29.22
C ALA D 42 22.83 20.45 29.95
N ALA D 43 21.74 20.86 29.31
CA ALA D 43 20.77 21.78 29.90
C ALA D 43 19.75 21.10 30.80
N ALA D 44 19.77 19.79 30.91
CA ALA D 44 18.71 19.08 31.63
C ALA D 44 18.86 19.28 33.13
N GLU D 45 17.80 19.84 33.74
CA GLU D 45 17.73 19.89 35.20
C GLU D 45 17.43 18.51 35.78
N GLN D 46 16.70 17.68 35.03
CA GLN D 46 16.54 16.28 35.38
C GLN D 46 16.25 15.50 34.10
N SER D 47 16.29 14.18 34.22
CA SER D 47 16.22 13.32 33.08
C SER D 47 15.51 12.05 33.50
N PHE D 48 14.52 11.64 32.72
CA PHE D 48 13.88 10.36 32.96
C PHE D 48 14.24 9.41 31.83
N SER D 49 14.11 8.12 32.14
CA SER D 49 14.33 7.06 31.17
C SER D 49 13.03 6.73 30.44
N LEU D 50 13.14 6.51 29.13
CA LEU D 50 12.04 6.03 28.32
C LEU D 50 12.11 4.53 28.03
N SER D 51 12.91 3.79 28.80
CA SER D 51 13.13 2.39 28.50
C SER D 51 11.93 1.52 28.85
N ALA D 52 11.18 1.90 29.88
CA ALA D 52 10.03 1.12 30.32
C ALA D 52 8.87 1.18 29.33
N LEU D 53 8.79 2.21 28.50
CA LEU D 53 7.71 2.33 27.52
C LEU D 53 7.73 1.15 26.55
N THR D 54 6.59 0.47 26.41
CA THR D 54 6.54 -0.73 25.59
C THR D 54 5.35 -0.63 24.65
N LEU D 55 5.39 -1.47 23.63
CA LEU D 55 4.31 -1.51 22.67
C LEU D 55 3.05 -2.00 23.35
N PRO D 56 1.95 -1.27 23.27
CA PRO D 56 0.68 -1.81 23.79
C PRO D 56 0.18 -2.96 22.91
N HIS D 57 -0.38 -3.98 23.56
CA HIS D 57 -0.70 -5.22 22.85
C HIS D 57 -1.73 -5.05 21.76
N PRO D 58 -2.73 -4.18 21.86
CA PRO D 58 -3.56 -3.88 20.68
C PRO D 58 -2.76 -3.52 19.43
N LEU D 59 -1.58 -2.93 19.55
CA LEU D 59 -0.86 -2.48 18.37
C LEU D 59 -0.01 -3.57 17.74
N VAL D 60 0.09 -4.73 18.36
CA VAL D 60 0.83 -5.82 17.74
C VAL D 60 0.20 -6.17 16.39
N ARG D 61 -1.12 -6.39 16.36
CA ARG D 61 -1.79 -6.79 15.13
C ARG D 61 -1.82 -5.66 14.13
N VAL D 62 -1.66 -4.42 14.60
CA VAL D 62 -1.48 -3.33 13.68
C VAL D 62 -0.13 -3.45 12.99
N LEU D 63 0.93 -3.63 13.77
CA LEU D 63 2.25 -3.73 13.19
C LEU D 63 2.36 -4.94 12.30
N VAL D 64 1.84 -6.08 12.76
CA VAL D 64 1.88 -7.30 11.96
C VAL D 64 1.16 -7.07 10.64
N ALA D 65 -0.01 -6.44 10.69
CA ALA D 65 -0.69 -6.11 9.46
C ALA D 65 0.20 -5.23 8.56
N GLU D 66 0.83 -4.20 9.14
CA GLU D 66 1.66 -3.31 8.32
C GLU D 66 2.81 -4.06 7.67
N SER D 67 3.49 -4.89 8.44
CA SER D 67 4.65 -5.62 7.95
C SER D 67 4.26 -6.64 6.89
N LEU D 68 3.04 -7.19 6.97
CA LEU D 68 2.60 -8.13 5.94
C LEU D 68 2.40 -7.44 4.61
N TYR D 69 1.69 -6.31 4.63
CA TYR D 69 1.57 -5.52 3.41
C TYR D 69 2.95 -5.24 2.83
N ARG D 70 3.90 -4.83 3.67
CA ARG D 70 5.22 -4.48 3.18
C ARG D 70 5.90 -5.70 2.54
N ALA D 71 5.88 -6.83 3.23
CA ALA D 71 6.46 -8.04 2.65
C ALA D 71 5.73 -8.47 1.39
N TRP D 72 4.39 -8.43 1.43
CA TRP D 72 3.62 -8.67 0.21
C TRP D 72 4.11 -7.74 -0.91
N SER D 73 4.11 -6.44 -0.63
CA SER D 73 4.39 -5.47 -1.68
C SER D 73 5.78 -5.68 -2.28
N ILE D 74 6.75 -6.15 -1.51
CA ILE D 74 8.08 -6.27 -2.09
C ILE D 74 8.20 -7.55 -2.92
N THR D 75 7.55 -8.63 -2.50
CA THR D 75 7.74 -9.90 -3.16
C THR D 75 6.94 -10.02 -4.44
N THR D 76 5.89 -9.22 -4.57
CA THR D 76 5.10 -9.16 -5.81
C THR D 76 5.40 -7.89 -6.59
N ASN D 77 5.13 -6.72 -6.00
CA ASN D 77 5.34 -5.40 -6.63
C ASN D 77 6.79 -5.11 -6.91
N HIS D 78 7.68 -6.00 -6.55
CA HIS D 78 8.94 -6.00 -7.27
C HIS D 78 8.78 -7.17 -8.23
N PRO D 79 8.13 -6.94 -9.43
CA PRO D 79 7.75 -8.06 -10.32
C PRO D 79 8.83 -9.12 -10.39
N TYR D 80 9.90 -8.81 -11.14
CA TYR D 80 11.17 -9.54 -11.13
C TYR D 80 10.95 -11.05 -11.04
N HIS D 81 10.17 -11.56 -12.00
CA HIS D 81 9.94 -13.00 -12.23
C HIS D 81 9.01 -13.64 -11.17
N ARG D 82 7.86 -12.99 -10.90
CA ARG D 82 6.92 -13.56 -9.93
C ARG D 82 5.55 -12.88 -9.90
N GLU D 83 4.48 -13.65 -10.16
CA GLU D 83 3.09 -13.19 -10.02
C GLU D 83 2.17 -14.34 -9.65
N GLY D 84 1.00 -14.00 -9.12
CA GLY D 84 0.02 -14.94 -8.57
C GLY D 84 0.27 -15.20 -7.10
N SER D 85 -0.81 -15.46 -6.35
CA SER D 85 -0.68 -15.63 -4.91
C SER D 85 -1.89 -16.39 -4.34
N MET D 86 -1.85 -16.57 -3.02
CA MET D 86 -2.79 -17.35 -2.22
C MET D 86 -3.34 -16.45 -1.11
N LYS D 87 -4.38 -16.91 -0.43
CA LYS D 87 -5.03 -16.10 0.58
C LYS D 87 -4.16 -16.03 1.85
N LEU D 88 -4.08 -14.83 2.43
CA LEU D 88 -3.46 -14.59 3.73
C LEU D 88 -4.55 -14.22 4.73
N GLN D 89 -4.49 -14.81 5.91
CA GLN D 89 -5.52 -14.57 6.90
C GLN D 89 -4.86 -14.24 8.23
N LEU D 90 -5.10 -13.04 8.72
CA LEU D 90 -4.61 -12.61 10.03
C LEU D 90 -5.76 -12.80 11.01
N VAL D 91 -5.54 -13.64 12.03
CA VAL D 91 -6.56 -13.94 13.02
C VAL D 91 -5.98 -13.54 14.36
N ALA D 92 -6.62 -12.57 15.01
CA ALA D 92 -6.04 -11.89 16.16
C ALA D 92 -7.13 -11.59 17.18
N VAL D 93 -6.81 -11.84 18.46
CA VAL D 93 -7.65 -11.38 19.55
C VAL D 93 -7.79 -9.88 19.47
N GLY D 94 -9.04 -9.40 19.50
CA GLY D 94 -9.32 -7.99 19.27
C GLY D 94 -9.32 -7.13 20.52
N THR D 95 -8.27 -7.23 21.33
CA THR D 95 -8.08 -6.30 22.44
C THR D 95 -8.26 -4.87 21.96
N LYS D 96 -8.93 -4.07 22.79
CA LYS D 96 -9.43 -2.77 22.34
C LYS D 96 -8.28 -1.78 22.11
N MET D 97 -8.41 -1.01 21.05
CA MET D 97 -7.39 -0.03 20.69
C MET D 97 -7.37 1.14 21.66
N PRO D 98 -6.18 1.73 21.85
CA PRO D 98 -6.12 3.05 22.50
C PRO D 98 -7.02 4.05 21.78
N ASP D 99 -7.54 4.99 22.56
CA ASP D 99 -8.49 5.96 22.03
C ASP D 99 -7.86 6.91 21.02
N TRP D 100 -6.75 6.53 20.40
CA TRP D 100 -6.16 7.36 19.36
C TRP D 100 -5.80 6.56 18.10
N VAL D 101 -6.32 5.34 17.95
CA VAL D 101 -6.20 4.60 16.69
C VAL D 101 -7.51 3.89 16.38
N GLN D 102 -7.42 2.61 16.02
CA GLN D 102 -8.50 1.77 15.47
C GLN D 102 -9.10 2.42 14.21
N THR D 103 -9.72 3.59 14.35
CA THR D 103 -10.22 4.28 13.17
C THR D 103 -9.10 4.53 12.19
N GLY D 104 -7.97 5.03 12.69
CA GLY D 104 -6.77 5.08 11.88
C GLY D 104 -6.35 3.72 11.36
N PHE D 105 -6.62 2.65 12.12
CA PHE D 105 -6.33 1.31 11.64
C PHE D 105 -7.38 0.84 10.65
N THR D 106 -8.67 1.07 10.96
CA THR D 106 -9.72 0.74 10.00
C THR D 106 -9.50 1.45 8.68
N GLU D 107 -9.27 2.77 8.71
CA GLU D 107 -9.01 3.51 7.49
C GLU D 107 -7.75 3.01 6.80
N TYR D 108 -6.72 2.71 7.59
CA TYR D 108 -5.50 2.18 7.00
C TYR D 108 -5.76 0.92 6.18
N LEU D 109 -6.59 0.01 6.73
CA LEU D 109 -6.84 -1.26 6.06
C LEU D 109 -7.58 -1.08 4.74
N ARG D 110 -8.38 -0.02 4.59
CA ARG D 110 -9.11 0.17 3.34
C ARG D 110 -8.17 0.58 2.20
N ARG D 111 -7.01 1.16 2.52
CA ARG D 111 -6.02 1.55 1.53
C ARG D 111 -5.24 0.37 0.98
N PHE D 112 -5.32 -0.79 1.61
CA PHE D 112 -4.60 -1.95 1.12
C PHE D 112 -5.00 -2.25 -0.33
N PRO D 113 -4.06 -2.62 -1.18
CA PRO D 113 -4.42 -2.98 -2.55
C PRO D 113 -5.34 -4.18 -2.51
N LYS D 114 -6.58 -3.98 -2.95
CA LYS D 114 -7.56 -5.07 -2.86
C LYS D 114 -7.31 -6.17 -3.90
N ASP D 115 -6.13 -6.15 -4.52
CA ASP D 115 -5.55 -7.35 -5.12
C ASP D 115 -4.57 -8.05 -4.19
N MET D 116 -4.28 -7.47 -3.01
CA MET D 116 -3.62 -8.26 -1.99
C MET D 116 -4.71 -9.07 -1.30
N PRO D 117 -4.68 -10.41 -1.44
CA PRO D 117 -5.71 -11.32 -0.89
C PRO D 117 -5.53 -11.44 0.61
N PHE D 118 -5.90 -10.37 1.30
CA PHE D 118 -5.70 -10.22 2.73
C PHE D 118 -7.05 -10.15 3.42
N GLU D 119 -7.09 -10.63 4.66
CA GLU D 119 -8.29 -10.60 5.50
C GLU D 119 -7.86 -10.57 6.96
N LEU D 120 -8.36 -9.61 7.70
CA LEU D 120 -8.14 -9.54 9.14
C LEU D 120 -9.40 -10.03 9.86
N ILE D 121 -9.29 -11.10 10.63
CA ILE D 121 -10.41 -11.58 11.41
C ILE D 121 -10.11 -11.33 12.88
N GLU D 122 -10.97 -10.53 13.52
CA GLU D 122 -10.76 -10.09 14.90
C GLU D 122 -11.64 -10.94 15.80
N ILE D 123 -11.00 -11.61 16.74
CA ILE D 123 -11.67 -12.51 17.67
C ILE D 123 -11.97 -11.72 18.94
N PRO D 124 -13.20 -11.72 19.45
CA PRO D 124 -13.51 -10.95 20.66
C PRO D 124 -12.64 -11.37 21.84
N ALA D 125 -12.09 -10.39 22.54
CA ALA D 125 -11.32 -10.65 23.74
C ALA D 125 -12.24 -10.89 24.93
N GLY D 126 -11.90 -11.89 25.74
CA GLY D 126 -12.74 -12.26 26.88
C GLY D 126 -12.42 -11.44 28.12
N LYS D 127 -13.47 -11.12 28.89
CA LYS D 127 -13.41 -10.29 30.08
C LYS D 127 -12.23 -10.63 30.99
N ARG D 128 -11.18 -9.83 30.95
CA ARG D 128 -10.03 -10.04 31.82
C ARG D 128 -10.17 -9.20 33.10
N GLY D 129 -9.32 -9.48 34.07
CA GLY D 129 -9.31 -8.67 35.29
C GLY D 129 -9.19 -9.40 36.62
N LYS D 130 -10.07 -9.02 37.55
CA LYS D 130 -10.08 -9.35 38.98
C LYS D 130 -9.31 -10.64 39.27
N ASN D 131 -9.76 -11.70 38.63
CA ASN D 131 -9.10 -12.99 38.66
C ASN D 131 -9.61 -13.82 37.50
N ALA D 132 -9.27 -13.38 36.29
CA ALA D 132 -10.09 -13.68 35.14
C ALA D 132 -10.17 -15.18 34.87
N ASP D 133 -9.19 -15.95 35.37
CA ASP D 133 -9.00 -17.35 34.99
C ASP D 133 -8.49 -17.41 33.55
N ILE D 134 -7.16 -17.32 33.41
CA ILE D 134 -6.58 -17.07 32.11
C ILE D 134 -6.61 -18.32 31.23
N LYS D 135 -6.51 -19.50 31.85
CA LYS D 135 -6.63 -20.76 31.12
C LYS D 135 -7.94 -20.83 30.34
N ARG D 136 -9.07 -20.61 31.03
CA ARG D 136 -10.36 -20.61 30.35
C ARG D 136 -10.39 -19.57 29.22
N ILE D 137 -9.98 -18.34 29.52
CA ILE D 137 -10.09 -17.25 28.53
C ILE D 137 -9.26 -17.58 27.30
N LEU D 138 -7.98 -17.92 27.50
CA LEU D 138 -7.09 -18.29 26.41
C LEU D 138 -7.61 -19.52 25.65
N ASP D 139 -7.95 -20.59 26.38
CA ASP D 139 -8.40 -21.80 25.70
C ASP D 139 -9.72 -21.55 24.95
N LYS D 140 -10.58 -20.68 25.47
CA LYS D 140 -11.76 -20.25 24.72
C LYS D 140 -11.35 -19.58 23.42
N GLU D 141 -10.43 -18.59 23.52
CA GLU D 141 -10.00 -17.82 22.35
C GLU D 141 -9.26 -18.70 21.34
N GLY D 142 -8.43 -19.62 21.82
CA GLY D 142 -7.76 -20.56 20.94
C GLY D 142 -8.72 -21.35 20.05
N GLU D 143 -9.92 -21.63 20.53
CA GLU D 143 -10.83 -22.44 19.72
C GLU D 143 -11.58 -21.61 18.68
N GLN D 144 -12.03 -20.40 19.04
CA GLN D 144 -12.55 -19.49 18.02
C GLN D 144 -11.50 -19.17 16.96
N MET D 145 -10.23 -19.02 17.37
CA MET D 145 -9.17 -18.74 16.41
C MET D 145 -9.02 -19.89 15.41
N LEU D 146 -8.92 -21.12 15.92
CA LEU D 146 -8.74 -22.29 15.05
C LEU D 146 -9.95 -22.50 14.16
N ALA D 147 -11.16 -22.32 14.70
CA ALA D 147 -12.36 -22.39 13.89
C ALA D 147 -12.31 -21.39 12.74
N ALA D 148 -11.74 -20.20 12.98
CA ALA D 148 -11.64 -19.20 11.93
C ALA D 148 -10.66 -19.61 10.84
N ALA D 149 -9.60 -20.33 11.20
CA ALA D 149 -8.58 -20.75 10.24
C ALA D 149 -8.96 -22.01 9.45
N GLY D 150 -9.87 -22.81 9.96
CA GLY D 150 -10.25 -24.04 9.30
C GLY D 150 -9.07 -24.91 8.92
N LYS D 151 -8.84 -25.05 7.62
CA LYS D 151 -7.86 -25.99 7.08
C LYS D 151 -6.58 -25.34 6.59
N ASN D 152 -6.43 -24.03 6.76
CA ASN D 152 -5.23 -23.33 6.33
C ASN D 152 -4.00 -23.85 7.06
N ARG D 153 -2.84 -23.63 6.44
CA ARG D 153 -1.57 -23.65 7.18
C ARG D 153 -1.63 -22.70 8.38
N ILE D 154 -1.35 -23.24 9.57
CA ILE D 154 -1.51 -22.51 10.83
C ILE D 154 -0.15 -21.93 11.23
N VAL D 155 -0.04 -20.59 11.21
CA VAL D 155 1.19 -19.91 11.61
C VAL D 155 0.90 -19.08 12.87
N THR D 156 1.58 -19.39 13.96
CA THR D 156 1.42 -18.65 15.20
C THR D 156 2.49 -17.57 15.33
N LEU D 157 2.05 -16.41 15.80
CA LEU D 157 2.90 -15.27 16.12
C LEU D 157 2.80 -15.09 17.64
N ASP D 158 3.83 -15.52 18.35
CA ASP D 158 3.74 -15.49 19.80
C ASP D 158 5.04 -15.06 20.47
#